data_4XJE
#
_entry.id   4XJE
#
_cell.length_a   42.020
_cell.length_b   42.020
_cell.length_c   191.980
_cell.angle_alpha   90.000
_cell.angle_beta   90.000
_cell.angle_gamma   90.000
#
_symmetry.space_group_name_H-M   'P 43 21 2'
#
loop_
_entity.id
_entity.type
_entity.pdbx_description
1 polymer AadB
2 non-polymer 'ADENOSINE MONOPHOSPHATE'
3 non-polymer TOBRAMYCIN
4 non-polymer GLYCEROL
5 water water
#
_entity_poly.entity_id   1
_entity_poly.type   'polypeptide(L)'
_entity_poly.pdbx_seq_one_letter_code
;LEHHHHHHMDTTQVTLIHKILAAADERNLPLWIGGGWAIDARLGRVTRKHDDIDLTFPGERRGELEAIVEMLGGRVMEEL
DYGFLAEIGDELLDCEPAWWADEAYEIAEAPQGSCPEAAEGVIAGRPVRCNSWEAIIWDYFYYADEVPPVDWPTKHIESY
RLACTSLGAEKVEVLRAAFRSRYAA
;
_entity_poly.pdbx_strand_id   A
#
loop_
_chem_comp.id
_chem_comp.type
_chem_comp.name
_chem_comp.formula
AMP non-polymer 'ADENOSINE MONOPHOSPHATE' 'C10 H14 N5 O7 P'
GOL non-polymer GLYCEROL 'C3 H8 O3'
TOY non-polymer TOBRAMYCIN 'C18 H37 N5 O9'
#
# COMPACT_ATOMS: atom_id res chain seq x y z
N ASP A 10 1.80 16.04 0.03
CA ASP A 10 2.26 16.67 1.27
C ASP A 10 3.76 16.45 1.46
N THR A 11 4.48 17.54 1.72
CA THR A 11 5.84 17.44 2.22
C THR A 11 5.79 16.74 3.57
N THR A 12 4.68 16.94 4.28
CA THR A 12 4.45 16.32 5.57
C THR A 12 4.36 14.79 5.46
N GLN A 13 3.65 14.30 4.45
CA GLN A 13 3.51 12.86 4.25
C GLN A 13 4.84 12.21 3.92
N VAL A 14 5.59 12.82 3.01
CA VAL A 14 6.89 12.29 2.62
C VAL A 14 7.78 12.13 3.85
N THR A 15 7.85 13.16 4.67
CA THR A 15 8.70 13.13 5.85
C THR A 15 8.17 12.13 6.87
N LEU A 16 6.85 12.03 6.98
CA LEU A 16 6.24 11.08 7.90
C LEU A 16 6.54 9.64 7.47
N ILE A 17 6.56 9.39 6.16
CA ILE A 17 6.94 8.08 5.64
C ILE A 17 8.37 7.74 6.05
N HIS A 18 9.28 8.69 5.90
CA HIS A 18 10.67 8.47 6.29
C HIS A 18 10.78 8.18 7.78
N LYS A 19 10.04 8.92 8.58
CA LYS A 19 10.06 8.76 10.03
C LYS A 19 9.54 7.39 10.45
N ILE A 20 8.46 6.95 9.80
CA ILE A 20 7.86 5.65 10.11
C ILE A 20 8.80 4.52 9.71
N LEU A 21 9.38 4.61 8.52
CA LEU A 21 10.24 3.54 8.03
C LEU A 21 11.54 3.49 8.83
N ALA A 22 12.06 4.65 9.24
CA ALA A 22 13.26 4.70 10.07
C ALA A 22 13.01 4.00 11.41
N ALA A 23 11.85 4.26 11.99
CA ALA A 23 11.46 3.63 13.25
C ALA A 23 11.28 2.13 13.09
N ALA A 24 10.68 1.73 11.97
CA ALA A 24 10.45 0.32 11.68
C ALA A 24 11.76 -0.41 11.45
N ASP A 25 12.68 0.22 10.71
CA ASP A 25 14.00 -0.34 10.48
C ASP A 25 14.70 -0.64 11.80
N GLU A 26 14.63 0.32 12.72
CA GLU A 26 15.25 0.17 14.05
C GLU A 26 14.70 -1.02 14.81
N ARG A 27 13.44 -1.38 14.54
CA ARG A 27 12.80 -2.52 15.18
C ARG A 27 12.93 -3.80 14.36
N ASN A 28 13.70 -3.74 13.27
CA ASN A 28 13.76 -4.85 12.32
C ASN A 28 12.36 -5.28 11.90
N LEU A 29 11.49 -4.29 11.70
CA LEU A 29 10.11 -4.52 11.29
C LEU A 29 9.92 -4.12 9.83
N PRO A 30 9.68 -5.11 8.95
CA PRO A 30 9.43 -4.72 7.55
C PRO A 30 8.05 -4.11 7.39
N LEU A 31 7.97 -3.02 6.62
CA LEU A 31 6.70 -2.39 6.31
C LEU A 31 6.68 -2.08 4.81
N TRP A 32 5.56 -2.36 4.16
CA TRP A 32 5.40 -2.05 2.75
C TRP A 32 4.51 -0.84 2.57
N ILE A 33 5.00 0.12 1.80
CA ILE A 33 4.18 1.24 1.36
C ILE A 33 3.21 0.72 0.31
N GLY A 34 1.94 1.10 0.42
CA GLY A 34 0.93 0.63 -0.51
C GLY A 34 0.22 1.75 -1.22
N GLY A 35 -0.72 1.40 -2.09
CA GLY A 35 -1.60 2.36 -2.73
C GLY A 35 -0.89 3.43 -3.53
N GLY A 36 -1.38 4.65 -3.43
CA GLY A 36 -0.85 5.77 -4.20
C GLY A 36 0.63 5.99 -4.02
N TRP A 37 1.10 5.95 -2.79
CA TRP A 37 2.52 6.18 -2.52
C TRP A 37 3.39 5.04 -3.05
N ALA A 38 2.82 3.83 -3.12
CA ALA A 38 3.56 2.70 -3.69
C ALA A 38 3.78 2.90 -5.18
N ILE A 39 2.78 3.44 -5.87
CA ILE A 39 2.91 3.77 -7.28
C ILE A 39 4.05 4.76 -7.47
N ASP A 40 4.00 5.86 -6.73
CA ASP A 40 5.04 6.88 -6.81
C ASP A 40 6.41 6.34 -6.41
N ALA A 41 6.44 5.44 -5.44
CA ALA A 41 7.70 4.82 -5.03
C ALA A 41 8.31 4.00 -6.17
N ARG A 42 7.48 3.21 -6.84
CA ARG A 42 7.96 2.39 -7.95
C ARG A 42 8.38 3.25 -9.13
N LEU A 43 7.71 4.38 -9.32
CA LEU A 43 8.06 5.32 -10.37
C LEU A 43 9.28 6.16 -10.01
N GLY A 44 9.55 6.31 -8.71
CA GLY A 44 10.64 7.14 -8.25
C GLY A 44 10.35 8.63 -8.40
N ARG A 45 9.07 8.98 -8.51
CA ARG A 45 8.64 10.36 -8.70
C ARG A 45 7.29 10.57 -8.02
N VAL A 46 7.13 11.70 -7.36
CA VAL A 46 5.82 12.06 -6.80
C VAL A 46 4.97 12.62 -7.93
N THR A 47 3.77 12.07 -8.09
CA THR A 47 2.93 12.36 -9.25
C THR A 47 1.61 13.03 -8.92
N ARG A 48 1.22 12.98 -7.66
CA ARG A 48 -0.18 13.08 -7.28
C ARG A 48 -0.27 13.36 -5.78
N LYS A 49 -1.24 14.17 -5.35
CA LYS A 49 -1.54 14.25 -3.92
C LYS A 49 -2.12 12.91 -3.50
N HIS A 50 -1.81 12.49 -2.29
CA HIS A 50 -2.33 11.24 -1.77
C HIS A 50 -3.11 11.55 -0.49
N ASP A 51 -4.28 10.91 -0.35
CA ASP A 51 -5.19 11.22 0.76
C ASP A 51 -4.59 10.76 2.08
N ASP A 52 -3.79 9.71 2.01
CA ASP A 52 -3.26 9.08 3.21
C ASP A 52 -2.01 8.28 2.90
N ILE A 53 -1.48 7.63 3.92
CA ILE A 53 -0.36 6.71 3.77
C ILE A 53 -0.85 5.29 4.01
N ASP A 54 -0.68 4.43 3.01
CA ASP A 54 -1.09 3.05 3.12
C ASP A 54 0.10 2.19 3.54
N LEU A 55 -0.10 1.40 4.59
CA LEU A 55 0.96 0.53 5.10
C LEU A 55 0.49 -0.92 5.16
N THR A 56 1.38 -1.83 4.75
CA THR A 56 1.17 -3.25 4.97
C THR A 56 2.19 -3.72 6.01
N PHE A 57 1.73 -4.43 7.03
CA PHE A 57 2.57 -4.79 8.16
C PHE A 57 2.42 -6.28 8.48
N PRO A 58 3.47 -6.90 9.06
CA PRO A 58 3.29 -8.28 9.52
C PRO A 58 2.22 -8.39 10.58
N GLY A 59 1.16 -9.13 10.28
CA GLY A 59 0.00 -9.22 11.15
C GLY A 59 0.31 -9.65 12.57
N GLU A 60 1.36 -10.47 12.72
CA GLU A 60 1.73 -10.99 14.02
C GLU A 60 2.58 -10.00 14.82
N ARG A 61 2.90 -8.85 14.22
CA ARG A 61 3.68 -7.83 14.90
C ARG A 61 2.96 -6.49 14.91
N ARG A 62 1.62 -6.55 14.94
CA ARG A 62 0.82 -5.33 14.96
C ARG A 62 1.21 -4.42 16.12
N GLY A 63 1.50 -5.03 17.26
CA GLY A 63 1.89 -4.29 18.46
C GLY A 63 3.06 -3.37 18.23
N GLU A 64 4.03 -3.81 17.43
CA GLU A 64 5.22 -3.00 17.16
C GLU A 64 4.88 -1.80 16.28
N LEU A 65 3.97 -1.98 15.34
CA LEU A 65 3.54 -0.87 14.51
C LEU A 65 2.80 0.16 15.36
N GLU A 66 1.92 -0.31 16.24
CA GLU A 66 1.18 0.58 17.12
C GLU A 66 2.14 1.40 18.00
N ALA A 67 3.21 0.76 18.46
CA ALA A 67 4.20 1.43 19.30
C ALA A 67 4.94 2.52 18.53
N ILE A 68 5.27 2.24 17.26
CA ILE A 68 5.88 3.24 16.39
C ILE A 68 4.97 4.46 16.29
N VAL A 69 3.70 4.20 16.00
CA VAL A 69 2.72 5.26 15.81
C VAL A 69 2.65 6.14 17.05
N GLU A 70 2.63 5.51 18.21
CA GLU A 70 2.54 6.24 19.47
C GLU A 70 3.86 6.93 19.80
N MET A 71 4.97 6.30 19.46
CA MET A 71 6.29 6.92 19.62
C MET A 71 6.34 8.25 18.87
N LEU A 72 5.67 8.31 17.72
CA LEU A 72 5.69 9.50 16.87
C LEU A 72 4.59 10.50 17.23
N GLY A 73 3.95 10.30 18.38
CA GLY A 73 2.95 11.24 18.85
C GLY A 73 1.56 10.99 18.29
N GLY A 74 1.38 9.83 17.66
CA GLY A 74 0.11 9.50 17.02
C GLY A 74 -0.74 8.61 17.89
N ARG A 75 -1.84 8.11 17.32
CA ARG A 75 -2.74 7.22 18.03
C ARG A 75 -3.37 6.20 17.08
N VAL A 76 -3.75 5.06 17.64
CA VAL A 76 -4.48 4.04 16.91
C VAL A 76 -5.97 4.34 16.99
N MET A 77 -6.61 4.45 15.84
CA MET A 77 -8.04 4.70 15.79
C MET A 77 -8.76 3.37 15.54
N GLU A 78 -9.86 3.37 14.78
CA GLU A 78 -10.75 2.22 14.77
C GLU A 78 -10.26 1.08 13.88
N GLU A 79 -10.88 -0.08 14.05
CA GLU A 79 -10.69 -1.20 13.16
C GLU A 79 -11.36 -0.94 11.82
N LEU A 80 -10.73 -1.41 10.76
CA LEU A 80 -11.31 -1.36 9.41
C LEU A 80 -11.66 -2.78 9.00
N ASP A 81 -12.42 -2.93 7.92
CA ASP A 81 -12.82 -4.26 7.45
C ASP A 81 -11.61 -5.15 7.13
N TYR A 82 -10.51 -4.53 6.73
CA TYR A 82 -9.33 -5.24 6.26
C TYR A 82 -8.08 -4.96 7.10
N GLY A 83 -8.22 -4.17 8.16
CA GLY A 83 -7.09 -3.83 8.99
C GLY A 83 -7.46 -2.81 10.05
N PHE A 84 -6.64 -1.77 10.20
CA PHE A 84 -6.95 -0.72 11.17
C PHE A 84 -6.44 0.65 10.72
N LEU A 85 -7.05 1.68 11.29
CA LEU A 85 -6.73 3.06 10.97
C LEU A 85 -5.93 3.69 12.12
N ALA A 86 -4.89 4.44 11.76
CA ALA A 86 -4.10 5.16 12.75
C ALA A 86 -3.90 6.59 12.28
N GLU A 87 -3.30 7.40 13.13
CA GLU A 87 -3.20 8.83 12.88
C GLU A 87 -1.95 9.41 13.50
N ILE A 88 -1.23 10.24 12.75
CA ILE A 88 -0.11 11.01 13.28
C ILE A 88 -0.27 12.45 12.82
N GLY A 89 -0.46 13.35 13.78
CA GLY A 89 -0.84 14.71 13.46
C GLY A 89 -2.22 14.67 12.83
N ASP A 90 -2.36 15.29 11.66
CA ASP A 90 -3.61 15.22 10.91
C ASP A 90 -3.64 14.05 9.93
N GLU A 91 -2.47 13.44 9.69
CA GLU A 91 -2.33 12.44 8.64
C GLU A 91 -2.87 11.07 9.07
N LEU A 92 -3.57 10.42 8.15
CA LEU A 92 -4.15 9.12 8.43
C LEU A 92 -3.30 7.99 7.84
N LEU A 93 -3.15 6.93 8.63
CA LEU A 93 -2.43 5.73 8.22
C LEU A 93 -3.42 4.59 8.05
N ASP A 94 -3.54 4.10 6.82
CA ASP A 94 -4.41 2.98 6.52
C ASP A 94 -3.60 1.70 6.52
N CYS A 95 -3.78 0.87 7.55
CA CYS A 95 -2.88 -0.25 7.81
C CYS A 95 -3.53 -1.60 7.59
N GLU A 96 -2.89 -2.44 6.77
CA GLU A 96 -3.40 -3.77 6.45
C GLU A 96 -2.39 -4.84 6.80
N PRO A 97 -2.83 -5.90 7.49
CA PRO A 97 -1.87 -6.96 7.84
C PRO A 97 -1.52 -7.87 6.66
N ALA A 98 -0.31 -8.40 6.68
CA ALA A 98 0.09 -9.49 5.79
C ALA A 98 0.60 -10.63 6.65
N TRP A 99 0.49 -11.85 6.15
CA TRP A 99 0.82 -13.04 6.93
C TRP A 99 1.84 -13.90 6.20
N TRP A 100 2.74 -14.50 6.96
CA TRP A 100 3.80 -15.31 6.38
C TRP A 100 3.22 -16.50 5.62
N ALA A 101 3.63 -16.64 4.36
CA ALA A 101 3.21 -17.77 3.55
C ALA A 101 4.29 -18.85 3.57
N ASP A 102 5.07 -18.99 2.50
CA ASP A 102 6.15 -19.97 2.49
C ASP A 102 7.51 -19.28 2.61
N GLU A 103 7.75 -18.29 1.77
CA GLU A 103 9.01 -17.54 1.81
C GLU A 103 8.77 -16.04 1.65
N ALA A 104 7.56 -15.59 2.00
CA ALA A 104 7.24 -14.17 1.95
C ALA A 104 5.93 -13.88 2.66
N TYR A 105 5.73 -12.62 3.02
CA TYR A 105 4.46 -12.17 3.56
C TYR A 105 3.44 -12.02 2.44
N GLU A 106 2.19 -12.32 2.72
CA GLU A 106 1.12 -12.15 1.75
C GLU A 106 -0.10 -11.52 2.39
N ILE A 107 -0.66 -10.52 1.71
CA ILE A 107 -1.93 -9.93 2.10
C ILE A 107 -3.05 -10.91 1.80
N ALA A 108 -3.99 -11.04 2.72
CA ALA A 108 -5.15 -11.89 2.50
C ALA A 108 -5.96 -11.37 1.32
N GLU A 109 -6.41 -12.28 0.46
CA GLU A 109 -7.19 -11.91 -0.71
C GLU A 109 -6.48 -10.88 -1.57
N ALA A 110 -5.25 -11.20 -1.97
CA ALA A 110 -4.45 -10.35 -2.84
C ALA A 110 -3.56 -11.23 -3.70
N PRO A 111 -2.97 -10.67 -4.76
CA PRO A 111 -2.15 -11.49 -5.66
C PRO A 111 -0.88 -12.02 -4.99
N GLN A 112 -0.43 -13.20 -5.42
CA GLN A 112 0.84 -13.74 -4.96
C GLN A 112 1.95 -12.74 -5.25
N GLY A 113 2.91 -12.63 -4.32
CA GLY A 113 4.01 -11.71 -4.47
C GLY A 113 3.69 -10.29 -4.04
N SER A 114 2.62 -10.11 -3.28
CA SER A 114 2.15 -8.78 -2.91
C SER A 114 3.10 -8.01 -2.01
N CYS A 115 3.97 -8.71 -1.28
CA CYS A 115 4.89 -8.07 -0.34
C CYS A 115 6.33 -8.54 -0.59
N PRO A 116 6.94 -8.05 -1.67
CA PRO A 116 8.30 -8.48 -2.00
C PRO A 116 9.33 -8.05 -0.94
N GLU A 117 10.29 -8.93 -0.66
CA GLU A 117 11.31 -8.66 0.34
C GLU A 117 12.20 -7.49 -0.08
N ALA A 118 12.52 -7.43 -1.37
CA ALA A 118 13.39 -6.38 -1.88
C ALA A 118 12.70 -5.01 -1.82
N ALA A 119 13.48 -3.99 -1.50
CA ALA A 119 13.01 -2.61 -1.62
C ALA A 119 13.03 -2.22 -3.09
N GLU A 120 11.84 -2.12 -3.69
CA GLU A 120 11.72 -1.91 -5.13
C GLU A 120 11.18 -0.54 -5.50
N GLY A 121 11.13 0.38 -4.54
CA GLY A 121 10.71 1.74 -4.80
C GLY A 121 11.64 2.75 -4.17
N VAL A 122 11.46 4.01 -4.53
CA VAL A 122 12.24 5.11 -3.97
C VAL A 122 11.34 6.29 -3.69
N ILE A 123 11.41 6.83 -2.48
CA ILE A 123 10.70 8.06 -2.13
C ILE A 123 11.69 9.08 -1.58
N ALA A 124 11.76 10.23 -2.25
CA ALA A 124 12.70 11.28 -1.86
C ALA A 124 14.11 10.73 -1.70
N GLY A 125 14.53 9.88 -2.64
CA GLY A 125 15.89 9.39 -2.69
C GLY A 125 16.18 8.17 -1.84
N ARG A 126 15.21 7.76 -1.03
CA ARG A 126 15.39 6.67 -0.09
C ARG A 126 14.74 5.39 -0.59
N PRO A 127 15.45 4.26 -0.58
CA PRO A 127 14.79 3.01 -0.97
C PRO A 127 13.72 2.61 0.03
N VAL A 128 12.59 2.10 -0.48
CA VAL A 128 11.51 1.66 0.39
C VAL A 128 10.91 0.36 -0.14
N ARG A 129 10.46 -0.49 0.78
CA ARG A 129 9.64 -1.62 0.41
C ARG A 129 8.26 -1.11 0.03
N CYS A 130 7.69 -1.67 -1.04
CA CYS A 130 6.35 -1.31 -1.46
C CYS A 130 5.66 -2.51 -2.09
N ASN A 131 4.33 -2.51 -2.02
CA ASN A 131 3.56 -3.61 -2.59
C ASN A 131 3.77 -3.70 -4.09
N SER A 132 3.58 -4.89 -4.64
CA SER A 132 3.79 -5.15 -6.06
C SER A 132 2.77 -4.41 -6.93
N TRP A 133 3.09 -4.27 -8.21
CA TRP A 133 2.17 -3.68 -9.17
C TRP A 133 0.85 -4.45 -9.20
N GLU A 134 0.94 -5.77 -9.12
N GLU A 134 0.92 -5.78 -9.13
CA GLU A 134 -0.25 -6.63 -9.13
CA GLU A 134 -0.27 -6.61 -9.15
C GLU A 134 -1.15 -6.35 -7.94
C GLU A 134 -1.16 -6.30 -7.94
N ALA A 135 -0.53 -6.19 -6.76
CA ALA A 135 -1.27 -5.87 -5.54
C ALA A 135 -1.94 -4.50 -5.65
N ILE A 136 -1.21 -3.55 -6.21
CA ILE A 136 -1.71 -2.19 -6.42
C ILE A 136 -2.94 -2.19 -7.34
N ILE A 137 -2.83 -2.87 -8.47
N ILE A 137 -2.80 -2.84 -8.49
CA ILE A 137 -3.91 -2.90 -9.46
CA ILE A 137 -3.88 -2.94 -9.48
C ILE A 137 -5.10 -3.73 -8.98
C ILE A 137 -5.09 -3.65 -8.87
N TRP A 138 -4.82 -4.74 -8.16
CA TRP A 138 -5.85 -5.58 -7.57
C TRP A 138 -6.89 -4.78 -6.79
N ASP A 139 -6.44 -3.78 -6.05
CA ASP A 139 -7.34 -2.98 -5.23
C ASP A 139 -8.23 -2.07 -6.06
N TYR A 140 -7.81 -1.74 -7.28
CA TYR A 140 -8.68 -0.98 -8.19
C TYR A 140 -9.86 -1.81 -8.67
N PHE A 141 -9.68 -3.14 -8.73
CA PHE A 141 -10.77 -4.01 -9.15
C PHE A 141 -11.93 -3.94 -8.17
N TYR A 142 -11.64 -4.00 -6.87
CA TYR A 142 -12.68 -3.79 -5.85
C TYR A 142 -13.36 -2.45 -6.05
N TYR A 143 -12.53 -1.43 -6.22
CA TYR A 143 -12.98 -0.06 -6.36
C TYR A 143 -13.96 0.06 -7.53
N ALA A 144 -13.66 -0.63 -8.63
CA ALA A 144 -14.49 -0.60 -9.80
C ALA A 144 -15.85 -1.27 -9.57
N ASP A 145 -15.87 -2.30 -8.73
CA ASP A 145 -17.12 -2.99 -8.41
C ASP A 145 -18.06 -2.12 -7.58
N GLU A 146 -17.49 -1.20 -6.80
CA GLU A 146 -18.25 -0.42 -5.84
C GLU A 146 -18.60 0.98 -6.34
N VAL A 147 -17.67 1.59 -7.06
CA VAL A 147 -17.87 2.93 -7.61
C VAL A 147 -17.69 2.89 -9.11
N PRO A 148 -18.71 3.32 -9.88
CA PRO A 148 -18.54 3.43 -11.33
C PRO A 148 -17.29 4.24 -11.67
N PRO A 149 -16.35 3.67 -12.43
CA PRO A 149 -15.13 4.41 -12.81
C PRO A 149 -15.37 5.82 -13.35
N VAL A 150 -16.55 6.09 -13.89
CA VAL A 150 -16.86 7.44 -14.34
C VAL A 150 -16.95 8.44 -13.18
N ASP A 151 -17.19 7.93 -11.98
CA ASP A 151 -17.25 8.78 -10.78
C ASP A 151 -15.94 8.80 -9.99
N TRP A 152 -14.92 8.11 -10.49
CA TRP A 152 -13.60 8.16 -9.84
C TRP A 152 -13.01 9.55 -9.97
N PRO A 153 -12.41 10.07 -8.90
CA PRO A 153 -11.63 11.30 -9.10
C PRO A 153 -10.42 11.03 -9.97
N THR A 154 -9.96 12.09 -10.64
CA THR A 154 -8.80 12.03 -11.52
C THR A 154 -7.58 11.44 -10.82
N LYS A 155 -7.42 11.73 -9.52
CA LYS A 155 -6.25 11.25 -8.80
C LYS A 155 -6.19 9.72 -8.81
N HIS A 156 -7.35 9.07 -8.78
CA HIS A 156 -7.39 7.61 -8.83
C HIS A 156 -7.34 7.08 -10.26
N ILE A 157 -8.05 7.74 -11.17
CA ILE A 157 -8.08 7.31 -12.58
C ILE A 157 -6.68 7.26 -13.17
N GLU A 158 -5.96 8.38 -13.04
CA GLU A 158 -4.65 8.49 -13.66
C GLU A 158 -3.63 7.56 -13.02
N SER A 159 -3.77 7.33 -11.72
CA SER A 159 -2.91 6.40 -11.02
C SER A 159 -3.15 4.97 -11.47
N TYR A 160 -4.42 4.62 -11.69
CA TYR A 160 -4.77 3.31 -12.21
C TYR A 160 -4.14 3.09 -13.58
N ARG A 161 -4.23 4.10 -14.44
CA ARG A 161 -3.70 3.99 -15.79
C ARG A 161 -2.17 3.86 -15.78
N LEU A 162 -1.51 4.55 -14.86
CA LEU A 162 -0.07 4.43 -14.68
C LEU A 162 0.32 3.01 -14.29
N ALA A 163 -0.46 2.41 -13.40
CA ALA A 163 -0.21 1.05 -12.95
C ALA A 163 -0.40 0.07 -14.10
N CYS A 164 -1.44 0.28 -14.90
CA CYS A 164 -1.71 -0.56 -16.06
C CYS A 164 -0.59 -0.43 -17.10
N THR A 165 -0.11 0.80 -17.29
CA THR A 165 1.01 1.06 -18.20
C THR A 165 2.26 0.32 -17.73
N SER A 166 2.50 0.33 -16.42
CA SER A 166 3.72 -0.23 -15.87
C SER A 166 3.69 -1.76 -15.89
N LEU A 167 2.54 -2.34 -15.60
CA LEU A 167 2.41 -3.80 -15.55
C LEU A 167 2.21 -4.40 -16.94
N GLY A 168 1.44 -3.71 -17.79
CA GLY A 168 1.13 -4.20 -19.13
C GLY A 168 -0.30 -4.69 -19.22
N ALA A 169 -0.94 -4.44 -20.36
CA ALA A 169 -2.37 -4.67 -20.51
C ALA A 169 -2.77 -6.14 -20.38
N GLU A 170 -1.99 -7.05 -20.95
CA GLU A 170 -2.34 -8.46 -20.91
C GLU A 170 -2.29 -8.98 -19.47
N LYS A 171 -1.24 -8.60 -18.74
CA LYS A 171 -1.09 -9.04 -17.36
C LYS A 171 -2.23 -8.52 -16.49
N VAL A 172 -2.66 -7.29 -16.77
CA VAL A 172 -3.79 -6.70 -16.05
C VAL A 172 -5.06 -7.51 -16.29
N GLU A 173 -5.30 -7.93 -17.53
CA GLU A 173 -6.52 -8.65 -17.86
C GLU A 173 -6.53 -10.06 -17.30
N VAL A 174 -5.35 -10.67 -17.23
CA VAL A 174 -5.21 -11.98 -16.63
C VAL A 174 -5.54 -11.87 -15.14
N LEU A 175 -5.01 -10.82 -14.51
CA LEU A 175 -5.27 -10.56 -13.09
C LEU A 175 -6.75 -10.25 -12.85
N ARG A 176 -7.36 -9.48 -13.75
CA ARG A 176 -8.77 -9.18 -13.64
C ARG A 176 -9.61 -10.45 -13.73
N ALA A 177 -9.20 -11.37 -14.60
CA ALA A 177 -9.88 -12.65 -14.74
C ALA A 177 -9.80 -13.45 -13.45
N ALA A 178 -8.62 -13.46 -12.83
CA ALA A 178 -8.44 -14.14 -11.56
C ALA A 178 -9.32 -13.51 -10.49
N PHE A 179 -9.39 -12.18 -10.49
CA PHE A 179 -10.22 -11.46 -9.53
C PHE A 179 -11.69 -11.82 -9.69
N ARG A 180 -12.19 -11.72 -10.92
CA ARG A 180 -13.59 -12.01 -11.21
C ARG A 180 -13.96 -13.45 -10.86
N SER A 181 -13.10 -14.38 -11.26
CA SER A 181 -13.34 -15.80 -11.05
C SER A 181 -13.42 -16.11 -9.56
N ARG A 182 -12.44 -15.62 -8.82
CA ARG A 182 -12.37 -15.84 -7.38
C ARG A 182 -13.63 -15.35 -6.66
N TYR A 183 -14.19 -14.24 -7.13
CA TYR A 183 -15.30 -13.59 -6.44
C TYR A 183 -16.67 -13.89 -7.05
N ALA A 184 -16.70 -14.61 -8.17
CA ALA A 184 -17.96 -15.08 -8.72
C ALA A 184 -18.58 -16.15 -7.85
P AMP B . -5.16 5.76 -1.48
O1P AMP B . -5.01 5.41 -0.01
O2P AMP B . -6.13 6.93 -1.58
O3P AMP B . -3.84 5.88 -2.17
O5' AMP B . -5.92 4.51 -2.12
C5' AMP B . -5.24 3.28 -2.33
C4' AMP B . -6.02 2.39 -3.26
O4' AMP B . -7.26 2.00 -2.64
C3' AMP B . -6.44 3.03 -4.57
O3' AMP B . -5.39 3.02 -5.53
C2' AMP B . -7.64 2.20 -4.98
O2' AMP B . -7.24 1.00 -5.62
C1' AMP B . -8.26 1.83 -3.63
N9 AMP B . -9.42 2.68 -3.28
C8 AMP B . -9.46 4.04 -3.14
N7 AMP B . -10.64 4.52 -2.83
C5 AMP B . -11.44 3.38 -2.75
C6 AMP B . -12.80 3.21 -2.45
N6 AMP B . -13.64 4.21 -2.17
N1 AMP B . -13.28 1.95 -2.46
C2 AMP B . -12.45 0.94 -2.74
N3 AMP B . -11.15 0.99 -3.04
C4 AMP B . -10.70 2.24 -3.03
C11 TOY C . -9.30 -4.14 -0.56
O11 TOY C . -8.95 -3.27 0.50
C21 TOY C . -10.82 -4.29 -0.58
N21 TOY C . -11.52 -2.99 -0.72
C31 TOY C . -11.26 -5.02 0.68
C41 TOY C . -10.53 -6.35 0.85
O41 TOY C . -10.91 -6.94 2.10
C51 TOY C . -9.03 -6.12 0.81
O51 TOY C . -8.68 -5.40 -0.40
C61 TOY C . -8.26 -7.42 0.78
N61 TOY C . -6.80 -7.23 0.72
C12 TOY C . -6.43 -0.17 1.61
N12 TOY C . -5.47 0.93 1.70
C22 TOY C . -5.77 -1.43 1.04
C32 TOY C . -6.76 -2.59 0.99
N32 TOY C . -6.13 -3.77 0.39
C42 TOY C . -8.03 -2.21 0.23
C52 TOY C . -8.67 -0.93 0.75
O52 TOY C . -9.77 -0.56 -0.05
C62 TOY C . -7.63 0.19 0.74
O62 TOY C . -8.23 1.38 1.26
C13 TOY C . -8.62 2.37 0.34
C23 TOY C . -8.14 3.72 0.83
O23 TOY C . -6.74 3.68 1.09
C33 TOY C . -8.88 4.15 2.11
N33 TOY C . -8.45 5.49 2.51
C43 TOY C . -10.38 4.10 1.81
O43 TOY C . -11.12 4.46 2.97
C53 TOY C . -10.73 2.68 1.40
O53 TOY C . -10.03 2.36 0.19
C63 TOY C . -12.20 2.47 1.12
O63 TOY C . -12.48 1.11 0.82
C1 GOL D . -3.77 8.59 -5.67
O1 GOL D . -3.13 7.39 -6.09
C2 GOL D . -4.41 8.28 -4.33
O2 GOL D . -3.37 7.97 -3.40
C3 GOL D . -5.16 9.49 -3.82
O3 GOL D . -5.42 9.31 -2.43
#